data_7CFL
#
_entry.id   7CFL
#
_cell.length_a   50.440
_cell.length_b   55.210
_cell.length_c   57.110
_cell.angle_alpha   104.86
_cell.angle_beta   112.64
_cell.angle_gamma   90.06
#
_symmetry.space_group_name_H-M   'P 1'
#
loop_
_entity.id
_entity.type
_entity.pdbx_description
1 polymer 'Putative cell wall hydrolase phosphatase-associated protein'
2 non-polymer 'CITRATE ANION'
3 water water
#
_entity_poly.entity_id   1
_entity_poly.type   'polypeptide(L)'
_entity_poly.pdbx_seq_one_letter_code
;MNHKVHHHHHHMGADSVISFAKTLLGKPYVWGAEGPNSFDCSGFTQYVMKKSVGVSIPRVSRDQSKYGTYVNRGDLRSGD
LVFFDTQGSNNGSVSHVGIYIGNGDMIHASSGSSKKVTISNINSSYYSSRYVNARRVL
;
_entity_poly.pdbx_strand_id   A,B,C,D
#
loop_
_chem_comp.id
_chem_comp.type
_chem_comp.name
_chem_comp.formula
FLC non-polymer 'CITRATE ANION' 'C6 H5 O7 -3'
#
# COMPACT_ATOMS: atom_id res chain seq x y z
N MET A 12 16.89 -2.92 -8.59
CA MET A 12 15.47 -2.60 -8.95
C MET A 12 14.70 -3.88 -9.30
N GLY A 13 15.41 -4.97 -9.66
CA GLY A 13 14.92 -6.33 -9.43
C GLY A 13 14.56 -6.52 -7.95
N ALA A 14 15.50 -6.22 -7.05
CA ALA A 14 15.33 -6.38 -5.59
C ALA A 14 14.16 -5.49 -5.09
N ASP A 15 14.03 -4.25 -5.59
CA ASP A 15 12.94 -3.31 -5.19
C ASP A 15 11.59 -3.96 -5.55
N SER A 16 11.49 -4.59 -6.73
CA SER A 16 10.24 -5.28 -7.20
C SER A 16 9.94 -6.46 -6.27
N VAL A 17 10.94 -7.31 -6.01
CA VAL A 17 10.82 -8.49 -5.10
C VAL A 17 10.28 -8.00 -3.75
N ILE A 18 10.95 -7.03 -3.14
CA ILE A 18 10.60 -6.62 -1.75
C ILE A 18 9.22 -5.95 -1.75
N SER A 19 8.92 -5.02 -2.67
CA SER A 19 7.63 -4.30 -2.65
C SER A 19 6.49 -5.28 -2.94
N PHE A 20 6.66 -6.25 -3.84
CA PHE A 20 5.60 -7.27 -4.09
C PHE A 20 5.41 -8.11 -2.82
N ALA A 21 6.50 -8.58 -2.22
CA ALA A 21 6.48 -9.42 -1.00
C ALA A 21 5.71 -8.69 0.11
N LYS A 22 5.90 -7.37 0.24
CA LYS A 22 5.24 -6.60 1.33
C LYS A 22 3.71 -6.56 1.14
N THR A 23 3.21 -6.65 -0.11
CA THR A 23 1.74 -6.66 -0.40
C THR A 23 1.12 -7.91 0.23
N LEU A 24 1.90 -8.96 0.49
CA LEU A 24 1.41 -10.25 1.02
C LEU A 24 1.51 -10.30 2.54
N LEU A 25 2.02 -9.25 3.22
CA LEU A 25 2.08 -9.18 4.70
C LEU A 25 0.71 -9.55 5.27
N GLY A 26 0.70 -10.44 6.27
CA GLY A 26 -0.50 -10.81 7.02
C GLY A 26 -1.18 -12.03 6.41
N LYS A 27 -0.72 -12.50 5.24
CA LYS A 27 -1.40 -13.65 4.55
C LYS A 27 -1.04 -14.91 5.33
N PRO A 28 -1.98 -15.85 5.52
CA PRO A 28 -1.78 -16.96 6.46
C PRO A 28 -0.75 -18.02 6.02
N TYR A 29 -0.09 -18.64 7.01
CA TYR A 29 0.79 -19.83 6.83
C TYR A 29 -0.09 -21.07 6.72
N VAL A 30 0.10 -21.82 5.64
CA VAL A 30 -0.48 -23.17 5.42
C VAL A 30 0.62 -24.04 4.81
N TRP A 31 1.07 -25.08 5.54
CA TRP A 31 2.05 -26.07 5.02
C TRP A 31 1.62 -26.59 3.63
N GLY A 32 2.54 -26.55 2.67
CA GLY A 32 2.36 -27.03 1.30
C GLY A 32 1.79 -26.00 0.33
N ALA A 33 1.35 -24.83 0.82
CA ALA A 33 0.76 -23.75 -0.03
C ALA A 33 1.86 -22.90 -0.72
N GLU A 34 1.58 -22.42 -1.92
CA GLU A 34 2.51 -21.57 -2.71
C GLU A 34 1.71 -20.44 -3.38
N GLY A 35 0.72 -19.88 -2.67
CA GLY A 35 -0.07 -18.72 -3.13
C GLY A 35 -1.29 -19.12 -3.96
N PRO A 36 -2.17 -18.14 -4.30
CA PRO A 36 -1.92 -16.72 -3.99
C PRO A 36 -2.39 -16.21 -2.61
N ASN A 37 -3.10 -17.05 -1.84
CA ASN A 37 -3.85 -16.61 -0.62
C ASN A 37 -3.18 -17.12 0.66
N SER A 38 -2.41 -18.20 0.58
CA SER A 38 -1.76 -18.88 1.73
C SER A 38 -0.39 -19.40 1.28
N PHE A 39 0.52 -19.60 2.22
CA PHE A 39 1.93 -19.92 1.88
C PHE A 39 2.59 -20.76 2.97
N ASP A 40 3.59 -21.55 2.58
CA ASP A 40 4.63 -22.02 3.51
C ASP A 40 5.88 -21.20 3.18
N CYS A 41 6.98 -21.40 3.90
CA CYS A 41 8.09 -20.44 3.84
CA CYS A 41 8.16 -20.50 3.85
C CYS A 41 8.73 -20.49 2.43
N SER A 42 8.92 -21.65 1.87
CA SER A 42 9.52 -21.85 0.52
C SER A 42 8.47 -21.58 -0.56
N GLY A 43 7.19 -21.85 -0.30
CA GLY A 43 6.15 -21.51 -1.28
C GLY A 43 6.03 -20.01 -1.46
N PHE A 44 6.26 -19.26 -0.38
CA PHE A 44 6.26 -17.78 -0.36
C PHE A 44 7.41 -17.27 -1.20
N THR A 45 8.61 -17.73 -0.90
CA THR A 45 9.77 -17.26 -1.70
C THR A 45 9.62 -17.64 -3.17
N GLN A 46 9.23 -18.89 -3.48
CA GLN A 46 8.98 -19.27 -4.89
C GLN A 46 7.98 -18.30 -5.54
N TYR A 47 6.80 -18.11 -4.93
CA TYR A 47 5.72 -17.30 -5.51
C TYR A 47 6.18 -15.84 -5.73
N VAL A 48 6.85 -15.28 -4.72
CA VAL A 48 7.32 -13.87 -4.79
C VAL A 48 8.29 -13.76 -5.98
N MET A 49 9.30 -14.63 -6.06
CA MET A 49 10.32 -14.60 -7.13
C MET A 49 9.68 -14.73 -8.51
N LYS A 50 8.72 -15.64 -8.68
CA LYS A 50 8.07 -15.93 -9.98
C LYS A 50 7.22 -14.71 -10.41
N LYS A 51 6.47 -14.10 -9.47
CA LYS A 51 5.42 -13.10 -9.78
C LYS A 51 6.03 -11.71 -9.92
N SER A 52 7.07 -11.40 -9.16
CA SER A 52 7.65 -10.05 -9.16
C SER A 52 8.47 -9.86 -10.44
N VAL A 53 9.43 -10.74 -10.68
CA VAL A 53 10.52 -10.58 -11.68
C VAL A 53 10.67 -11.82 -12.57
N GLY A 54 9.85 -12.87 -12.40
CA GLY A 54 9.88 -14.05 -13.30
C GLY A 54 11.15 -14.89 -13.13
N VAL A 55 11.64 -14.94 -11.90
CA VAL A 55 12.79 -15.81 -11.54
C VAL A 55 12.19 -17.09 -10.94
N SER A 56 12.60 -18.22 -11.50
CA SER A 56 12.21 -19.58 -11.07
C SER A 56 13.21 -20.08 -10.04
N ILE A 57 12.76 -20.36 -8.82
CA ILE A 57 13.59 -21.06 -7.79
C ILE A 57 12.92 -22.38 -7.44
N PRO A 58 13.68 -23.32 -6.84
CA PRO A 58 13.13 -24.59 -6.36
C PRO A 58 11.98 -24.44 -5.37
N ARG A 59 11.17 -25.49 -5.29
CA ARG A 59 9.97 -25.50 -4.41
C ARG A 59 10.34 -25.52 -2.93
N VAL A 60 11.27 -26.37 -2.47
CA VAL A 60 11.46 -26.57 -1.00
C VAL A 60 12.72 -25.84 -0.54
N SER A 61 12.75 -25.50 0.74
CA SER A 61 13.82 -24.65 1.33
CA SER A 61 13.81 -24.68 1.39
C SER A 61 15.21 -25.27 1.12
N ARG A 62 15.38 -26.59 1.34
CA ARG A 62 16.68 -27.29 1.25
C ARG A 62 17.23 -27.22 -0.18
N ASP A 63 16.38 -27.18 -1.19
CA ASP A 63 16.76 -27.10 -2.62
C ASP A 63 17.01 -25.63 -2.99
N GLN A 64 16.20 -24.69 -2.48
CA GLN A 64 16.44 -23.24 -2.72
C GLN A 64 17.83 -22.91 -2.15
N SER A 65 18.22 -23.55 -1.05
CA SER A 65 19.54 -23.34 -0.37
C SER A 65 20.71 -23.77 -1.27
N LYS A 66 20.48 -24.55 -2.32
CA LYS A 66 21.57 -25.07 -3.20
C LYS A 66 21.53 -24.33 -4.55
N TYR A 67 20.68 -23.30 -4.68
CA TYR A 67 20.38 -22.67 -5.99
C TYR A 67 20.92 -21.23 -6.03
N GLY A 68 21.66 -20.90 -7.07
CA GLY A 68 22.13 -19.52 -7.30
C GLY A 68 23.46 -19.30 -6.62
N THR A 69 23.82 -18.04 -6.47
CA THR A 69 25.19 -17.61 -6.05
C THR A 69 25.24 -17.67 -4.52
N TYR A 70 26.20 -18.39 -3.95
CA TYR A 70 26.41 -18.36 -2.49
C TYR A 70 26.78 -16.93 -2.07
N VAL A 71 26.20 -16.49 -0.96
CA VAL A 71 26.44 -15.14 -0.35
C VAL A 71 26.87 -15.34 1.10
N ASN A 72 27.98 -14.69 1.52
CA ASN A 72 28.35 -14.67 2.96
C ASN A 72 27.31 -13.83 3.73
N ARG A 73 27.07 -14.15 4.99
CA ARG A 73 26.07 -13.43 5.83
C ARG A 73 26.47 -11.95 5.93
N GLY A 74 27.77 -11.58 5.97
CA GLY A 74 28.16 -10.16 6.02
C GLY A 74 27.91 -9.38 4.72
N ASP A 75 27.67 -10.05 3.59
CA ASP A 75 27.50 -9.48 2.23
C ASP A 75 26.02 -9.53 1.78
N LEU A 76 25.08 -9.83 2.67
CA LEU A 76 23.63 -9.90 2.28
C LEU A 76 23.18 -8.58 1.66
N ARG A 77 22.38 -8.69 0.59
CA ARG A 77 21.77 -7.58 -0.18
C ARG A 77 20.26 -7.83 -0.19
N SER A 78 19.47 -6.77 -0.29
CA SER A 78 18.00 -6.83 -0.56
C SER A 78 17.73 -7.88 -1.65
N GLY A 79 16.81 -8.80 -1.40
CA GLY A 79 16.40 -9.78 -2.42
C GLY A 79 17.13 -11.10 -2.30
N ASP A 80 18.21 -11.19 -1.53
CA ASP A 80 18.89 -12.47 -1.25
C ASP A 80 17.95 -13.37 -0.45
N LEU A 81 18.03 -14.67 -0.67
CA LEU A 81 17.35 -15.68 0.14
C LEU A 81 18.25 -16.04 1.31
N VAL A 82 17.67 -16.12 2.51
CA VAL A 82 18.44 -16.50 3.74
C VAL A 82 17.82 -17.79 4.27
N PHE A 83 18.64 -18.74 4.67
CA PHE A 83 18.22 -20.12 5.03
C PHE A 83 18.58 -20.43 6.50
N PHE A 84 17.72 -21.21 7.16
CA PHE A 84 17.83 -21.59 8.58
C PHE A 84 17.53 -23.07 8.77
N ASP A 85 18.07 -23.64 9.85
CA ASP A 85 17.76 -25.02 10.28
C ASP A 85 16.74 -24.99 11.43
N THR A 86 16.40 -26.15 11.99
CA THR A 86 15.44 -26.35 13.12
C THR A 86 16.26 -26.47 14.42
N GLN A 87 15.67 -26.08 15.54
CA GLN A 87 16.37 -25.73 16.81
C GLN A 87 17.19 -26.91 17.35
N GLY A 88 16.55 -28.03 17.70
CA GLY A 88 17.11 -29.06 18.60
C GLY A 88 18.11 -29.99 17.90
N SER A 89 18.08 -31.28 18.25
CA SER A 89 18.81 -32.37 17.53
C SER A 89 18.19 -32.52 16.13
N ASN A 90 19.04 -32.64 15.11
CA ASN A 90 18.70 -32.40 13.68
C ASN A 90 19.80 -32.97 12.79
N ASN A 91 19.88 -32.53 11.52
CA ASN A 91 21.02 -32.78 10.60
C ASN A 91 21.90 -31.52 10.48
N GLY A 92 21.34 -30.35 10.83
CA GLY A 92 21.71 -29.04 10.24
C GLY A 92 20.99 -28.83 8.91
N SER A 93 19.98 -29.65 8.62
CA SER A 93 19.20 -29.62 7.35
C SER A 93 18.44 -28.29 7.30
N VAL A 94 18.49 -27.60 6.15
CA VAL A 94 17.71 -26.35 5.93
C VAL A 94 16.22 -26.70 5.93
N SER A 95 15.45 -25.98 6.73
CA SER A 95 13.98 -26.17 6.94
C SER A 95 13.19 -24.85 6.85
N HIS A 96 13.87 -23.71 6.66
CA HIS A 96 13.20 -22.38 6.61
CA HIS A 96 13.25 -22.36 6.69
C HIS A 96 13.97 -21.44 5.68
N VAL A 97 13.27 -20.47 5.12
CA VAL A 97 13.83 -19.49 4.16
C VAL A 97 13.02 -18.21 4.30
N GLY A 98 13.69 -17.08 4.12
CA GLY A 98 13.13 -15.74 4.05
C GLY A 98 13.83 -14.94 2.98
N ILE A 99 13.28 -13.79 2.66
CA ILE A 99 13.85 -12.85 1.65
C ILE A 99 14.47 -11.71 2.45
N TYR A 100 15.77 -11.55 2.33
CA TYR A 100 16.45 -10.43 3.02
C TYR A 100 15.98 -9.07 2.46
N ILE A 101 15.73 -8.13 3.39
CA ILE A 101 15.30 -6.74 3.03
C ILE A 101 16.41 -5.76 3.40
N GLY A 102 16.92 -5.85 4.61
CA GLY A 102 18.07 -5.02 5.00
C GLY A 102 18.00 -4.71 6.45
N ASN A 103 19.11 -4.26 7.05
CA ASN A 103 19.11 -3.95 8.51
C ASN A 103 18.83 -5.22 9.31
N GLY A 104 19.17 -6.41 8.79
CA GLY A 104 18.92 -7.72 9.42
C GLY A 104 17.52 -8.26 9.18
N ASP A 105 16.63 -7.44 8.65
CA ASP A 105 15.19 -7.79 8.48
C ASP A 105 15.04 -8.77 7.31
N MET A 106 14.17 -9.78 7.45
CA MET A 106 13.71 -10.58 6.31
C MET A 106 12.19 -10.63 6.34
N ILE A 107 11.62 -10.76 5.16
CA ILE A 107 10.17 -11.08 5.05
C ILE A 107 10.04 -12.59 4.81
N HIS A 108 9.04 -13.23 5.43
CA HIS A 108 8.90 -14.70 5.34
C HIS A 108 7.51 -15.12 5.76
N ALA A 109 7.21 -16.36 5.46
CA ALA A 109 5.94 -16.98 5.88
C ALA A 109 6.28 -17.74 7.18
N SER A 110 6.02 -17.14 8.34
CA SER A 110 6.51 -17.67 9.63
C SER A 110 5.54 -18.74 10.12
N SER A 111 6.02 -19.95 10.39
CA SER A 111 5.26 -20.99 11.12
C SER A 111 5.49 -20.87 12.64
N GLY A 112 6.09 -19.77 13.12
CA GLY A 112 6.09 -19.38 14.54
C GLY A 112 4.70 -18.98 15.01
N SER A 113 4.61 -18.25 16.13
CA SER A 113 3.34 -17.86 16.79
C SER A 113 2.42 -17.10 15.82
N SER A 114 2.97 -16.33 14.87
CA SER A 114 2.17 -15.38 14.03
C SER A 114 1.47 -16.11 12.87
N LYS A 115 2.00 -17.25 12.42
CA LYS A 115 1.38 -18.11 11.37
C LYS A 115 0.91 -17.25 10.20
N LYS A 116 1.74 -16.32 9.75
CA LYS A 116 1.41 -15.41 8.64
C LYS A 116 2.71 -14.84 8.07
N VAL A 117 2.64 -14.32 6.86
CA VAL A 117 3.75 -13.54 6.24
C VAL A 117 4.00 -12.34 7.15
N THR A 118 5.26 -12.19 7.58
CA THR A 118 5.63 -11.21 8.61
C THR A 118 7.09 -10.86 8.36
N ILE A 119 7.57 -9.93 9.18
CA ILE A 119 8.98 -9.47 9.12
C ILE A 119 9.66 -9.83 10.45
N SER A 120 10.85 -10.42 10.37
CA SER A 120 11.66 -10.84 11.54
C SER A 120 13.11 -10.47 11.22
N ASN A 121 13.94 -10.41 12.26
CA ASN A 121 15.35 -10.00 12.17
C ASN A 121 16.26 -11.23 12.29
N ILE A 122 17.11 -11.47 11.31
CA ILE A 122 18.03 -12.66 11.31
C ILE A 122 19.05 -12.54 12.45
N ASN A 123 19.20 -11.38 13.09
CA ASN A 123 20.18 -11.14 14.19
C ASN A 123 19.52 -11.38 15.55
N SER A 124 18.21 -11.57 15.59
CA SER A 124 17.47 -11.90 16.84
C SER A 124 18.03 -13.23 17.38
N SER A 125 17.98 -13.42 18.69
CA SER A 125 18.51 -14.63 19.37
C SER A 125 17.95 -15.88 18.69
N TYR A 126 16.65 -15.90 18.35
CA TYR A 126 15.97 -17.07 17.77
C TYR A 126 16.61 -17.46 16.42
N TYR A 127 16.67 -16.54 15.46
CA TYR A 127 17.12 -16.87 14.08
C TYR A 127 18.66 -16.99 13.99
N SER A 128 19.42 -16.15 14.70
CA SER A 128 20.87 -16.00 14.44
C SER A 128 21.60 -17.36 14.54
N SER A 129 21.35 -18.14 15.59
CA SER A 129 22.03 -19.45 15.82
C SER A 129 21.60 -20.51 14.79
N ARG A 130 20.45 -20.33 14.12
CA ARG A 130 19.89 -21.30 13.13
C ARG A 130 20.30 -20.95 11.70
N TYR A 131 20.91 -19.78 11.49
CA TYR A 131 21.37 -19.32 10.15
C TYR A 131 22.29 -20.37 9.54
N VAL A 132 22.01 -20.75 8.27
CA VAL A 132 22.84 -21.76 7.53
C VAL A 132 23.65 -21.06 6.44
N ASN A 133 22.99 -20.44 5.49
CA ASN A 133 23.60 -19.88 4.26
C ASN A 133 22.63 -18.90 3.60
N ALA A 134 23.06 -18.35 2.48
CA ALA A 134 22.30 -17.37 1.71
C ALA A 134 22.58 -17.60 0.23
N ARG A 135 21.64 -17.21 -0.63
CA ARG A 135 21.76 -17.32 -2.09
C ARG A 135 21.20 -16.06 -2.75
N ARG A 136 21.91 -15.62 -3.80
CA ARG A 136 21.56 -14.49 -4.68
C ARG A 136 21.00 -15.09 -5.97
N VAL A 137 19.71 -14.80 -6.23
CA VAL A 137 19.00 -15.32 -7.43
C VAL A 137 18.69 -14.20 -8.44
N LEU A 138 18.87 -12.93 -8.08
CA LEU A 138 18.68 -11.74 -8.94
C LEU A 138 19.99 -11.30 -9.58
N MET B 12 9.63 -9.09 31.67
CA MET B 12 8.24 -9.68 31.82
C MET B 12 7.18 -8.72 31.24
N GLY B 13 7.20 -7.46 31.70
CA GLY B 13 6.33 -6.40 31.17
C GLY B 13 6.52 -6.25 29.67
N ALA B 14 7.78 -6.09 29.23
CA ALA B 14 8.11 -5.89 27.82
C ALA B 14 7.67 -7.12 27.02
N ASP B 15 7.88 -8.32 27.56
CA ASP B 15 7.50 -9.59 26.88
C ASP B 15 5.99 -9.57 26.64
N SER B 16 5.21 -9.08 27.61
CA SER B 16 3.73 -9.06 27.49
C SER B 16 3.36 -8.06 26.41
N VAL B 17 3.96 -6.86 26.50
CA VAL B 17 3.72 -5.77 25.53
C VAL B 17 3.95 -6.30 24.12
N ILE B 18 5.13 -6.86 23.85
CA ILE B 18 5.51 -7.26 22.46
C ILE B 18 4.66 -8.44 21.99
N SER B 19 4.49 -9.47 22.81
CA SER B 19 3.69 -10.65 22.40
C SER B 19 2.24 -10.23 22.09
N PHE B 20 1.63 -9.34 22.87
CA PHE B 20 0.24 -8.88 22.63
C PHE B 20 0.24 -8.07 21.33
N ALA B 21 1.24 -7.20 21.16
CA ALA B 21 1.32 -6.33 19.97
C ALA B 21 1.39 -7.20 18.73
N LYS B 22 2.12 -8.31 18.77
CA LYS B 22 2.32 -9.18 17.57
C LYS B 22 1.01 -9.88 17.18
N THR B 23 0.09 -10.10 18.14
CA THR B 23 -1.26 -10.67 17.84
C THR B 23 -2.04 -9.72 16.92
N LEU B 24 -1.70 -8.43 16.88
CA LEU B 24 -2.45 -7.41 16.10
C LEU B 24 -1.81 -7.18 14.72
N LEU B 25 -0.70 -7.85 14.38
CA LEU B 25 -0.07 -7.78 13.03
C LEU B 25 -1.16 -7.97 11.97
N GLY B 26 -1.14 -7.10 10.95
CA GLY B 26 -2.06 -7.16 9.80
C GLY B 26 -3.35 -6.39 10.04
N LYS B 27 -3.61 -5.89 11.27
CA LYS B 27 -4.85 -5.13 11.55
C LYS B 27 -4.76 -3.80 10.82
N PRO B 28 -5.85 -3.33 10.20
CA PRO B 28 -5.76 -2.16 9.33
C PRO B 28 -5.50 -0.82 10.03
N TYR B 29 -4.81 0.07 9.31
CA TYR B 29 -4.63 1.49 9.69
C TYR B 29 -5.90 2.26 9.34
N VAL B 30 -6.44 2.95 10.33
CA VAL B 30 -7.55 3.93 10.19
C VAL B 30 -7.24 5.12 11.08
N TRP B 31 -7.04 6.32 10.50
CA TRP B 31 -6.81 7.55 11.31
C TRP B 31 -7.92 7.75 12.34
N GLY B 32 -7.55 8.11 13.57
CA GLY B 32 -8.47 8.28 14.71
C GLY B 32 -8.83 6.98 15.46
N ALA B 33 -8.53 5.79 14.93
CA ALA B 33 -8.87 4.48 15.56
C ALA B 33 -7.92 4.11 16.71
N GLU B 34 -8.44 3.42 17.71
CA GLU B 34 -7.67 3.00 18.92
C GLU B 34 -8.10 1.58 19.30
N GLY B 35 -8.38 0.73 18.31
CA GLY B 35 -8.75 -0.68 18.53
C GLY B 35 -10.24 -0.88 18.81
N PRO B 36 -10.70 -2.14 18.89
CA PRO B 36 -9.82 -3.30 18.82
C PRO B 36 -9.47 -3.85 17.43
N ASN B 37 -10.13 -3.37 16.37
CA ASN B 37 -9.98 -3.95 15.01
C ASN B 37 -9.15 -3.07 14.06
N SER B 38 -9.04 -1.77 14.34
CA SER B 38 -8.29 -0.81 13.49
C SER B 38 -7.56 0.17 14.40
N PHE B 39 -6.51 0.77 13.87
CA PHE B 39 -5.62 1.63 14.68
C PHE B 39 -5.04 2.76 13.84
N ASP B 40 -4.73 3.88 14.53
CA ASP B 40 -3.65 4.79 14.05
C ASP B 40 -2.42 4.50 14.90
N CYS B 41 -1.32 5.18 14.69
CA CYS B 41 -0.04 4.72 15.26
CA CYS B 41 -0.02 4.79 15.27
C CYS B 41 -0.09 4.92 16.79
N SER B 42 -0.62 6.05 17.25
CA SER B 42 -0.76 6.39 18.69
C SER B 42 -1.91 5.61 19.33
N GLY B 43 -2.97 5.33 18.57
CA GLY B 43 -4.08 4.51 19.08
C GLY B 43 -3.59 3.09 19.31
N PHE B 44 -2.70 2.61 18.46
CA PHE B 44 -2.09 1.27 18.60
C PHE B 44 -1.22 1.21 19.85
N THR B 45 -0.27 2.14 19.99
CA THR B 45 0.55 2.10 21.21
C THR B 45 -0.31 2.26 22.47
N GLN B 46 -1.26 3.21 22.50
CA GLN B 46 -2.12 3.34 23.69
C GLN B 46 -2.87 2.03 23.98
N TYR B 47 -3.49 1.43 22.97
CA TYR B 47 -4.28 0.18 23.16
C TYR B 47 -3.38 -0.96 23.64
N VAL B 48 -2.20 -1.10 23.04
CA VAL B 48 -1.26 -2.21 23.39
C VAL B 48 -0.87 -2.01 24.86
N MET B 49 -0.42 -0.81 25.25
CA MET B 49 0.03 -0.56 26.63
C MET B 49 -1.09 -0.81 27.65
N LYS B 50 -2.32 -0.38 27.33
CA LYS B 50 -3.51 -0.54 28.24
C LYS B 50 -3.86 -2.03 28.37
N LYS B 51 -3.92 -2.76 27.27
CA LYS B 51 -4.49 -4.13 27.26
C LYS B 51 -3.47 -5.17 27.73
N SER B 52 -2.18 -4.92 27.52
CA SER B 52 -1.14 -5.93 27.85
C SER B 52 -0.85 -5.88 29.35
N VAL B 53 -0.51 -4.70 29.87
CA VAL B 53 0.08 -4.52 31.22
C VAL B 53 -0.67 -3.43 32.00
N GLY B 54 -1.70 -2.78 31.44
CA GLY B 54 -2.51 -1.79 32.18
C GLY B 54 -1.77 -0.49 32.39
N VAL B 55 -0.87 -0.16 31.49
CA VAL B 55 -0.13 1.12 31.52
C VAL B 55 -0.92 2.13 30.67
N SER B 56 -1.27 3.27 31.26
CA SER B 56 -1.94 4.42 30.60
C SER B 56 -0.91 5.34 29.97
N ILE B 57 -1.01 5.56 28.67
CA ILE B 57 -0.16 6.57 27.95
C ILE B 57 -1.12 7.53 27.26
N PRO B 58 -0.66 8.75 26.95
CA PRO B 58 -1.43 9.72 26.16
C PRO B 58 -1.96 9.17 24.84
N ARG B 59 -3.04 9.80 24.35
CA ARG B 59 -3.72 9.40 23.09
C ARG B 59 -2.87 9.72 21.85
N VAL B 60 -2.25 10.89 21.73
CA VAL B 60 -1.62 11.30 20.43
C VAL B 60 -0.09 11.20 20.56
N SER B 61 0.57 11.03 19.42
CA SER B 61 2.04 10.75 19.39
CA SER B 61 2.04 10.78 19.33
C SER B 61 2.82 11.88 20.06
N ARG B 62 2.47 13.15 19.80
CA ARG B 62 3.23 14.33 20.31
C ARG B 62 3.23 14.31 21.85
N ASP B 63 2.12 13.92 22.46
CA ASP B 63 1.96 13.83 23.93
C ASP B 63 2.64 12.56 24.48
N GLN B 64 2.55 11.41 23.81
CA GLN B 64 3.25 10.17 24.26
C GLN B 64 4.75 10.48 24.29
N SER B 65 5.22 11.31 23.35
CA SER B 65 6.66 11.70 23.25
C SER B 65 7.15 12.46 24.48
N LYS B 66 6.25 13.01 25.30
CA LYS B 66 6.60 13.81 26.51
C LYS B 66 6.32 12.99 27.78
N TYR B 67 5.95 11.71 27.65
CA TYR B 67 5.45 10.90 28.79
C TYR B 67 6.49 9.83 29.15
N GLY B 68 6.81 9.73 30.43
CA GLY B 68 7.66 8.64 30.96
C GLY B 68 9.13 9.02 30.85
N THR B 69 9.99 8.02 30.96
CA THR B 69 11.45 8.19 31.16
C THR B 69 12.09 8.42 29.80
N TYR B 70 12.90 9.47 29.67
CA TYR B 70 13.62 9.67 28.39
C TYR B 70 14.66 8.55 28.20
N VAL B 71 14.80 8.07 26.98
CA VAL B 71 15.74 6.98 26.57
C VAL B 71 16.55 7.48 25.39
N ASN B 72 17.87 7.53 25.53
CA ASN B 72 18.73 7.82 24.36
C ASN B 72 18.66 6.68 23.34
N ARG B 73 18.79 7.02 22.05
CA ARG B 73 18.64 6.03 20.94
C ARG B 73 19.58 4.82 21.16
N GLY B 74 20.83 5.04 21.61
CA GLY B 74 21.80 3.92 21.79
C GLY B 74 21.41 2.96 22.92
N ASP B 75 20.43 3.33 23.76
CA ASP B 75 20.04 2.61 25.01
C ASP B 75 18.61 2.04 24.89
N LEU B 76 18.04 1.99 23.69
CA LEU B 76 16.67 1.45 23.46
C LEU B 76 16.58 0.00 23.98
N ARG B 77 15.43 -0.32 24.59
CA ARG B 77 15.15 -1.66 25.12
C ARG B 77 13.77 -2.08 24.61
N SER B 78 13.56 -3.37 24.48
CA SER B 78 12.22 -3.93 24.17
C SER B 78 11.16 -3.18 24.98
N GLY B 79 10.06 -2.76 24.35
CA GLY B 79 8.93 -2.14 25.06
C GLY B 79 9.02 -0.62 25.10
N ASP B 80 10.17 -0.03 24.82
CA ASP B 80 10.26 1.44 24.72
C ASP B 80 9.43 1.96 23.53
N LEU B 81 8.90 3.16 23.66
CA LEU B 81 8.21 3.87 22.57
C LEU B 81 9.25 4.68 21.81
N VAL B 82 9.19 4.62 20.49
CA VAL B 82 10.14 5.40 19.63
C VAL B 82 9.31 6.36 18.78
N PHE B 83 9.71 7.63 18.68
CA PHE B 83 8.94 8.72 18.05
C PHE B 83 9.68 9.29 16.83
N PHE B 84 8.94 9.66 15.81
CA PHE B 84 9.41 10.21 14.52
C PHE B 84 8.59 11.44 14.13
N ASP B 85 9.19 12.29 13.30
CA ASP B 85 8.52 13.47 12.70
C ASP B 85 8.10 13.17 11.25
N THR B 86 7.60 14.19 10.55
CA THR B 86 7.17 14.17 9.11
C THR B 86 8.18 14.98 8.28
N GLY B 92 11.13 19.30 13.97
CA GLY B 92 10.61 17.92 14.05
C GLY B 92 9.47 17.77 15.05
N SER B 93 8.26 18.26 14.71
CA SER B 93 7.01 17.97 15.46
C SER B 93 6.71 16.47 15.38
N VAL B 94 6.63 15.76 16.52
CA VAL B 94 6.35 14.30 16.54
C VAL B 94 4.97 14.03 15.94
N SER B 95 4.92 13.07 15.02
CA SER B 95 3.76 12.69 14.18
C SER B 95 3.59 11.16 14.09
N HIS B 96 4.56 10.36 14.59
CA HIS B 96 4.52 8.88 14.49
CA HIS B 96 4.59 8.89 14.44
C HIS B 96 5.16 8.24 15.71
N VAL B 97 4.69 7.05 16.07
CA VAL B 97 5.23 6.30 17.23
C VAL B 97 5.16 4.81 16.88
N GLY B 98 6.11 4.06 17.42
CA GLY B 98 6.13 2.59 17.39
C GLY B 98 6.65 2.08 18.70
N ILE B 99 6.54 0.77 18.89
CA ILE B 99 7.06 0.03 20.08
C ILE B 99 8.32 -0.70 19.63
N TYR B 100 9.42 -0.40 20.28
CA TYR B 100 10.69 -1.07 19.94
C TYR B 100 10.65 -2.53 20.41
N ILE B 101 11.14 -3.43 19.55
CA ILE B 101 11.14 -4.90 19.81
C ILE B 101 12.53 -5.53 19.66
N GLY B 102 13.54 -4.74 19.37
CA GLY B 102 14.96 -5.15 19.39
C GLY B 102 15.54 -5.24 17.99
N ASN B 103 16.87 -5.27 17.87
CA ASN B 103 17.57 -5.39 16.58
C ASN B 103 17.14 -4.28 15.61
N GLY B 104 16.71 -3.13 16.15
CA GLY B 104 16.32 -1.95 15.35
C GLY B 104 14.88 -2.01 14.88
N ASP B 105 14.19 -3.14 15.12
CA ASP B 105 12.79 -3.39 14.69
C ASP B 105 11.81 -2.70 15.64
N MET B 106 10.71 -2.19 15.09
CA MET B 106 9.56 -1.69 15.89
C MET B 106 8.31 -2.30 15.29
N ILE B 107 7.30 -2.45 16.12
CA ILE B 107 5.93 -2.77 15.65
C ILE B 107 5.13 -1.47 15.72
N HIS B 108 4.31 -1.20 14.70
CA HIS B 108 3.62 0.10 14.58
C HIS B 108 2.45 -0.10 13.63
N ALA B 109 1.50 0.81 13.76
CA ALA B 109 0.39 0.96 12.80
C ALA B 109 0.93 1.86 11.68
N SER B 110 1.36 1.32 10.54
CA SER B 110 2.01 2.14 9.50
C SER B 110 0.93 2.80 8.61
N SER B 111 0.94 4.13 8.55
CA SER B 111 0.22 4.96 7.53
C SER B 111 0.93 4.89 6.17
N GLY B 112 2.12 4.26 6.05
CA GLY B 112 2.81 3.99 4.78
C GLY B 112 2.07 3.00 3.86
N SER B 113 2.77 2.47 2.86
CA SER B 113 2.22 1.60 1.78
C SER B 113 1.37 0.44 2.34
N SER B 114 1.76 -0.16 3.49
CA SER B 114 1.13 -1.38 4.06
C SER B 114 -0.24 -1.07 4.69
N LYS B 115 -0.42 0.13 5.23
CA LYS B 115 -1.69 0.57 5.86
C LYS B 115 -2.18 -0.50 6.83
N LYS B 116 -1.30 -1.03 7.65
CA LYS B 116 -1.70 -1.98 8.72
C LYS B 116 -0.59 -2.14 9.74
N VAL B 117 -0.93 -2.79 10.84
CA VAL B 117 0.06 -3.10 11.90
C VAL B 117 1.16 -3.97 11.26
N THR B 118 2.41 -3.52 11.38
CA THR B 118 3.55 -4.18 10.68
C THR B 118 4.81 -3.95 11.50
N ILE B 119 5.87 -4.58 11.05
CA ILE B 119 7.22 -4.42 11.66
C ILE B 119 8.09 -3.66 10.66
N SER B 120 8.82 -2.66 11.15
CA SER B 120 9.75 -1.83 10.34
C SER B 120 11.02 -1.61 11.16
N ASN B 121 12.10 -1.26 10.50
CA ASN B 121 13.41 -1.05 11.15
C ASN B 121 13.66 0.46 11.30
N ILE B 122 13.90 0.90 12.53
CA ILE B 122 14.18 2.34 12.83
C ILE B 122 15.53 2.77 12.18
N ASN B 123 16.39 1.83 11.75
CA ASN B 123 17.72 2.12 11.13
C ASN B 123 17.63 2.19 9.59
N SER B 124 16.46 1.88 9.02
CA SER B 124 16.23 1.96 7.56
C SER B 124 16.28 3.44 7.17
N SER B 125 16.67 3.71 5.92
CA SER B 125 16.89 5.09 5.40
C SER B 125 15.69 5.96 5.77
N TYR B 126 14.47 5.45 5.56
CA TYR B 126 13.22 6.22 5.73
C TYR B 126 13.09 6.68 7.19
N TYR B 127 13.08 5.75 8.14
CA TYR B 127 12.82 6.06 9.57
C TYR B 127 13.98 6.84 10.18
N SER B 128 15.23 6.50 9.83
CA SER B 128 16.42 6.93 10.61
C SER B 128 16.48 8.46 10.72
N SER B 129 16.26 9.21 9.64
CA SER B 129 16.40 10.71 9.65
C SER B 129 15.18 11.37 10.31
N ARG B 130 14.12 10.61 10.53
CA ARG B 130 12.86 11.13 11.12
C ARG B 130 12.87 10.88 12.64
N TYR B 131 13.84 10.13 13.18
CA TYR B 131 13.88 9.77 14.61
C TYR B 131 14.01 11.05 15.46
N VAL B 132 13.13 11.19 16.46
CA VAL B 132 13.11 12.35 17.39
C VAL B 132 13.61 11.91 18.77
N ASN B 133 12.90 11.01 19.43
CA ASN B 133 13.21 10.62 20.82
C ASN B 133 12.54 9.29 21.15
N ALA B 134 12.74 8.85 22.38
CA ALA B 134 12.19 7.59 22.90
C ALA B 134 11.83 7.75 24.38
N ARG B 135 10.87 6.95 24.81
CA ARG B 135 10.35 6.96 26.19
C ARG B 135 10.19 5.52 26.69
N ARG B 136 10.44 5.32 27.98
CA ARG B 136 10.30 4.06 28.73
C ARG B 136 9.07 4.27 29.62
N VAL B 137 8.05 3.44 29.42
CA VAL B 137 6.77 3.57 30.18
C VAL B 137 6.56 2.33 31.08
N LEU B 138 7.35 1.27 30.93
CA LEU B 138 7.35 0.06 31.77
C LEU B 138 8.30 0.22 32.96
N MET C 12 -17.71 4.20 9.54
CA MET C 12 -16.41 4.30 10.30
C MET C 12 -15.32 4.88 9.40
N GLY C 13 -15.27 4.46 8.12
CA GLY C 13 -14.40 5.09 7.11
C GLY C 13 -14.66 6.60 7.06
N ALA C 14 -15.92 6.98 6.91
CA ALA C 14 -16.33 8.40 6.77
C ALA C 14 -15.93 9.19 8.02
N ASP C 15 -16.13 8.63 9.22
CA ASP C 15 -15.78 9.32 10.49
C ASP C 15 -14.27 9.62 10.49
N SER C 16 -13.46 8.66 10.04
CA SER C 16 -11.97 8.83 9.96
C SER C 16 -11.65 9.95 8.96
N VAL C 17 -12.23 9.88 7.77
CA VAL C 17 -12.00 10.87 6.68
C VAL C 17 -12.27 12.27 7.22
N ILE C 18 -13.45 12.49 7.77
CA ILE C 18 -13.88 13.85 8.22
C ILE C 18 -13.04 14.29 9.42
N SER C 19 -12.78 13.42 10.39
CA SER C 19 -12.04 13.86 11.61
C SER C 19 -10.60 14.19 11.21
N PHE C 20 -9.99 13.40 10.33
CA PHE C 20 -8.63 13.69 9.80
C PHE C 20 -8.67 15.02 9.04
N ALA C 21 -9.65 15.19 8.14
CA ALA C 21 -9.80 16.43 7.35
C ALA C 21 -9.84 17.65 8.28
N LYS C 22 -10.62 17.58 9.37
CA LYS C 22 -10.81 18.77 10.24
C LYS C 22 -9.48 19.14 10.94
N THR C 23 -8.56 18.19 11.17
CA THR C 23 -7.21 18.51 11.75
C THR C 23 -6.47 19.47 10.82
N LEU C 24 -6.85 19.54 9.55
CA LEU C 24 -6.14 20.36 8.54
C LEU C 24 -6.79 21.74 8.38
N LEU C 25 -7.93 22.02 9.08
CA LEU C 25 -8.58 23.36 9.01
C LEU C 25 -7.50 24.44 9.20
N GLY C 26 -7.53 25.48 8.36
CA GLY C 26 -6.62 26.62 8.46
C GLY C 26 -5.37 26.43 7.64
N LYS C 27 -5.08 25.22 7.12
CA LYS C 27 -3.82 25.00 6.34
C LYS C 27 -3.93 25.79 5.03
N PRO C 28 -2.85 26.45 4.57
CA PRO C 28 -2.98 27.37 3.44
C PRO C 28 -3.19 26.71 2.07
N TYR C 29 -3.89 27.42 1.19
CA TYR C 29 -4.10 27.07 -0.23
C TYR C 29 -2.83 27.46 -1.00
N VAL C 30 -2.29 26.50 -1.75
CA VAL C 30 -1.16 26.70 -2.72
C VAL C 30 -1.48 25.84 -3.93
N TRP C 31 -1.68 26.44 -5.11
CA TRP C 31 -1.90 25.67 -6.35
C TRP C 31 -0.78 24.65 -6.60
N GLY C 32 -1.15 23.40 -6.87
CA GLY C 32 -0.26 22.26 -7.15
C GLY C 32 0.14 21.49 -5.89
N ALA C 33 -0.16 21.98 -4.68
CA ALA C 33 0.28 21.35 -3.40
C ALA C 33 -0.66 20.19 -3.02
N GLU C 34 -0.14 19.15 -2.37
CA GLU C 34 -0.92 17.94 -1.95
C GLU C 34 -0.43 17.51 -0.57
N GLY C 35 -0.18 18.48 0.33
CA GLY C 35 0.18 18.18 1.71
C GLY C 35 1.69 18.00 1.88
N PRO C 36 2.17 17.96 3.13
CA PRO C 36 1.29 17.93 4.30
C PRO C 36 0.92 19.30 4.90
N ASN C 37 1.53 20.39 4.43
CA ASN C 37 1.43 21.73 5.05
C ASN C 37 0.61 22.70 4.19
N SER C 38 0.43 22.41 2.91
CA SER C 38 -0.35 23.27 1.98
C SER C 38 -1.07 22.39 0.97
N PHE C 39 -2.10 22.93 0.34
CA PHE C 39 -2.97 22.11 -0.52
C PHE C 39 -3.61 22.93 -1.63
N ASP C 40 -3.92 22.29 -2.75
CA ASP C 40 -5.02 22.75 -3.64
C ASP C 40 -6.25 21.87 -3.34
N CYS C 41 -7.33 22.06 -4.06
CA CYS C 41 -8.62 21.48 -3.62
CA CYS C 41 -8.64 21.48 -3.67
C CYS C 41 -8.58 19.95 -3.86
N SER C 42 -8.07 19.51 -4.99
CA SER C 42 -7.90 18.08 -5.34
C SER C 42 -6.72 17.48 -4.57
N GLY C 43 -5.63 18.23 -4.34
CA GLY C 43 -4.52 17.69 -3.52
C GLY C 43 -4.93 17.44 -2.08
N PHE C 44 -5.83 18.27 -1.55
CA PHE C 44 -6.48 18.10 -0.23
C PHE C 44 -7.29 16.83 -0.20
N THR C 45 -8.27 16.70 -1.11
CA THR C 45 -9.05 15.44 -1.08
C THR C 45 -8.14 14.23 -1.26
N GLN C 46 -7.19 14.25 -2.21
CA GLN C 46 -6.32 13.08 -2.42
C GLN C 46 -5.57 12.74 -1.11
N TYR C 47 -4.96 13.75 -0.50
CA TYR C 47 -4.14 13.56 0.72
C TYR C 47 -4.98 13.01 1.86
N VAL C 48 -6.19 13.59 2.04
CA VAL C 48 -7.12 13.18 3.13
C VAL C 48 -7.48 11.71 2.90
N MET C 49 -7.88 11.33 1.69
CA MET C 49 -8.31 9.94 1.40
C MET C 49 -7.17 8.93 1.59
N LYS C 50 -5.94 9.30 1.20
CA LYS C 50 -4.79 8.39 1.34
C LYS C 50 -4.40 8.21 2.81
N LYS C 51 -4.33 9.31 3.57
CA LYS C 51 -3.73 9.33 4.93
C LYS C 51 -4.74 8.78 5.94
N SER C 52 -6.03 8.99 5.74
CA SER C 52 -7.06 8.63 6.75
C SER C 52 -7.35 7.13 6.65
N VAL C 53 -7.69 6.65 5.46
CA VAL C 53 -8.24 5.28 5.26
C VAL C 53 -7.52 4.53 4.14
N GLY C 54 -6.49 5.11 3.51
CA GLY C 54 -5.71 4.37 2.50
C GLY C 54 -6.42 4.24 1.17
N VAL C 55 -7.33 5.17 0.85
CA VAL C 55 -8.09 5.17 -0.43
C VAL C 55 -7.33 6.05 -1.42
N SER C 56 -7.01 5.46 -2.57
CA SER C 56 -6.34 6.14 -3.70
C SER C 56 -7.37 6.79 -4.58
N ILE C 57 -7.33 8.13 -4.73
CA ILE C 57 -8.15 8.84 -5.74
C ILE C 57 -7.20 9.56 -6.70
N PRO C 58 -7.67 9.90 -7.91
CA PRO C 58 -6.89 10.70 -8.85
C PRO C 58 -6.40 12.04 -8.27
N ARG C 59 -5.42 12.62 -8.96
CA ARG C 59 -4.79 13.86 -8.47
C ARG C 59 -5.68 15.07 -8.72
N VAL C 60 -6.31 15.21 -9.90
CA VAL C 60 -6.95 16.51 -10.28
C VAL C 60 -8.47 16.35 -10.18
N SER C 61 -9.15 17.46 -9.94
CA SER C 61 -10.61 17.48 -9.66
CA SER C 61 -10.61 17.48 -9.66
C SER C 61 -11.38 16.82 -10.81
N ARG C 62 -11.03 17.13 -12.06
CA ARG C 62 -11.79 16.64 -13.26
C ARG C 62 -11.71 15.11 -13.32
N ASP C 63 -10.61 14.52 -12.87
CA ASP C 63 -10.39 13.05 -12.85
C ASP C 63 -11.07 12.43 -11.61
N GLN C 64 -11.01 13.09 -10.45
CA GLN C 64 -11.71 12.59 -9.25
C GLN C 64 -13.22 12.48 -9.57
N SER C 65 -13.76 13.43 -10.34
CA SER C 65 -15.22 13.52 -10.68
C SER C 65 -15.63 12.32 -11.51
N LYS C 66 -14.66 11.59 -12.09
CA LYS C 66 -14.93 10.40 -12.94
C LYS C 66 -14.67 9.10 -12.15
N TYR C 67 -14.34 9.18 -10.85
CA TYR C 67 -13.81 8.04 -10.07
C TYR C 67 -14.78 7.61 -8.98
N GLY C 68 -15.10 6.31 -8.96
CA GLY C 68 -15.93 5.72 -7.89
C GLY C 68 -17.40 5.79 -8.26
N THR C 69 -18.24 5.68 -7.24
CA THR C 69 -19.71 5.47 -7.39
C THR C 69 -20.36 6.84 -7.57
N TYR C 70 -21.15 7.00 -8.62
CA TYR C 70 -21.90 8.26 -8.82
C TYR C 70 -23.00 8.33 -7.73
N VAL C 71 -23.16 9.52 -7.18
CA VAL C 71 -24.12 9.84 -6.09
C VAL C 71 -24.95 11.04 -6.55
N ASN C 72 -26.28 10.90 -6.54
CA ASN C 72 -27.13 12.09 -6.77
C ASN C 72 -27.00 13.06 -5.59
N ARG C 73 -27.17 14.34 -5.85
CA ARG C 73 -27.07 15.41 -4.81
C ARG C 73 -28.00 15.10 -3.63
N GLY C 74 -29.25 14.65 -3.83
CA GLY C 74 -30.13 14.35 -2.68
C GLY C 74 -29.59 13.24 -1.77
N ASP C 75 -28.72 12.34 -2.29
CA ASP C 75 -28.28 11.10 -1.61
C ASP C 75 -26.87 11.28 -1.00
N LEU C 76 -26.32 12.50 -0.96
CA LEU C 76 -24.96 12.75 -0.38
C LEU C 76 -24.90 12.20 1.05
N ARG C 77 -23.77 11.57 1.34
CA ARG C 77 -23.40 10.99 2.65
C ARG C 77 -22.05 11.58 3.04
N SER C 78 -21.81 11.67 4.34
CA SER C 78 -20.48 12.04 4.90
C SER C 78 -19.37 11.30 4.14
N GLY C 79 -18.35 12.01 3.68
CA GLY C 79 -17.18 11.38 3.06
C GLY C 79 -17.27 11.30 1.55
N ASP C 80 -18.43 11.57 0.98
CA ASP C 80 -18.58 11.68 -0.48
C ASP C 80 -17.80 12.88 -0.98
N LEU C 81 -17.37 12.84 -2.22
CA LEU C 81 -16.65 13.97 -2.85
C LEU C 81 -17.67 14.74 -3.65
N VAL C 82 -17.65 16.07 -3.56
CA VAL C 82 -18.64 16.91 -4.28
C VAL C 82 -17.85 17.81 -5.24
N PHE C 83 -18.30 17.99 -6.46
CA PHE C 83 -17.56 18.62 -7.57
C PHE C 83 -18.32 19.83 -8.11
N PHE C 84 -17.58 20.86 -8.44
CA PHE C 84 -18.13 22.15 -8.93
C PHE C 84 -17.36 22.60 -10.17
N ASP C 85 -17.99 23.45 -10.98
CA ASP C 85 -17.36 24.11 -12.16
C ASP C 85 -16.98 25.57 -11.81
N THR C 86 -16.51 26.32 -12.82
CA THR C 86 -16.09 27.76 -12.73
C THR C 86 -17.11 28.63 -13.49
N GLY C 92 -18.13 23.84 -19.01
CA GLY C 92 -18.52 23.49 -17.63
C GLY C 92 -17.65 22.38 -17.06
N SER C 93 -16.34 22.44 -17.32
CA SER C 93 -15.33 21.49 -16.76
C SER C 93 -15.38 21.56 -15.23
N VAL C 94 -15.31 20.41 -14.56
CA VAL C 94 -15.08 20.35 -13.10
C VAL C 94 -13.71 21.02 -12.83
N SER C 95 -13.69 21.93 -11.87
CA SER C 95 -12.50 22.72 -11.46
C SER C 95 -12.34 22.78 -9.93
N HIS C 96 -13.30 22.27 -9.15
CA HIS C 96 -13.19 22.28 -7.66
CA HIS C 96 -13.31 22.35 -7.67
C HIS C 96 -13.85 21.03 -7.07
N VAL C 97 -13.37 20.65 -5.89
CA VAL C 97 -13.82 19.46 -5.15
C VAL C 97 -13.74 19.77 -3.65
N GLY C 98 -14.72 19.25 -2.93
CA GLY C 98 -14.71 19.19 -1.46
C GLY C 98 -15.18 17.84 -0.97
N ILE C 99 -15.07 17.62 0.34
CA ILE C 99 -15.53 16.39 1.03
C ILE C 99 -16.83 16.75 1.76
N TYR C 100 -17.91 16.10 1.41
CA TYR C 100 -19.18 16.34 2.10
C TYR C 100 -19.12 15.87 3.56
N ILE C 101 -19.62 16.70 4.46
CA ILE C 101 -19.74 16.37 5.92
C ILE C 101 -21.19 16.05 6.22
N GLY C 102 -22.07 16.97 5.91
CA GLY C 102 -23.50 16.83 6.26
C GLY C 102 -24.14 18.18 6.44
N ASN C 103 -25.47 18.22 6.40
CA ASN C 103 -26.22 19.48 6.58
C ASN C 103 -25.80 20.47 5.48
N GLY C 104 -25.44 19.95 4.29
CA GLY C 104 -24.97 20.73 3.12
C GLY C 104 -23.52 21.22 3.24
N ASP C 105 -22.86 21.02 4.39
CA ASP C 105 -21.46 21.43 4.65
C ASP C 105 -20.46 20.52 3.92
N MET C 106 -19.38 21.12 3.41
CA MET C 106 -18.22 20.36 2.88
C MET C 106 -16.98 21.00 3.47
N ILE C 107 -15.93 20.22 3.61
CA ILE C 107 -14.57 20.74 3.94
C ILE C 107 -13.73 20.72 2.65
N HIS C 108 -12.97 21.79 2.41
CA HIS C 108 -12.27 21.95 1.12
C HIS C 108 -11.10 22.92 1.31
N ALA C 109 -10.16 22.83 0.39
CA ALA C 109 -9.06 23.82 0.26
C ALA C 109 -9.63 24.94 -0.60
N SER C 110 -10.03 26.07 -0.03
CA SER C 110 -10.70 27.15 -0.81
C SER C 110 -9.64 28.09 -1.41
N SER C 111 -9.67 28.26 -2.73
CA SER C 111 -8.96 29.37 -3.44
C SER C 111 -9.80 30.66 -3.44
N GLY C 112 -10.98 30.68 -2.78
CA GLY C 112 -11.73 31.90 -2.47
C GLY C 112 -10.95 32.82 -1.55
N SER C 113 -11.61 33.81 -0.94
CA SER C 113 -10.95 34.87 -0.13
C SER C 113 -10.16 34.27 1.04
N SER C 114 -10.55 33.11 1.59
CA SER C 114 -9.88 32.51 2.79
C SER C 114 -8.50 31.93 2.46
N LYS C 115 -8.30 31.44 1.24
CA LYS C 115 -7.06 30.78 0.77
C LYS C 115 -6.61 29.75 1.81
N LYS C 116 -7.50 28.93 2.33
CA LYS C 116 -7.13 27.94 3.37
C LYS C 116 -8.18 26.83 3.39
N VAL C 117 -7.83 25.72 4.02
CA VAL C 117 -8.79 24.62 4.30
C VAL C 117 -9.89 25.18 5.21
N THR C 118 -11.14 25.07 4.78
CA THR C 118 -12.29 25.68 5.49
C THR C 118 -13.53 24.84 5.18
N ILE C 119 -14.64 25.27 5.75
CA ILE C 119 -15.96 24.61 5.64
C ILE C 119 -16.90 25.62 4.99
N SER C 120 -17.56 25.20 3.92
CA SER C 120 -18.58 25.98 3.17
C SER C 120 -19.82 25.11 2.97
N ASN C 121 -20.92 25.76 2.66
CA ASN C 121 -22.21 25.06 2.44
C ASN C 121 -22.49 24.99 0.94
N ILE C 122 -22.67 23.77 0.44
CA ILE C 122 -22.97 23.56 -1.00
C ILE C 122 -24.34 24.17 -1.37
N ASN C 123 -25.18 24.54 -0.40
CA ASN C 123 -26.52 25.14 -0.68
C ASN C 123 -26.41 26.67 -0.75
N SER C 124 -25.24 27.24 -0.45
CA SER C 124 -25.05 28.71 -0.48
C SER C 124 -25.17 29.19 -1.92
N SER C 125 -25.50 30.47 -2.09
CA SER C 125 -25.81 31.08 -3.41
C SER C 125 -24.69 30.68 -4.37
N TYR C 126 -23.41 30.87 -4.02
CA TYR C 126 -22.37 30.65 -5.04
C TYR C 126 -22.19 29.16 -5.34
N TYR C 127 -22.08 28.27 -4.34
CA TYR C 127 -21.72 26.86 -4.64
C TYR C 127 -22.87 26.17 -5.36
N SER C 128 -24.12 26.40 -4.94
CA SER C 128 -25.29 25.61 -5.41
C SER C 128 -25.34 25.61 -6.94
N SER C 129 -25.24 26.77 -7.60
CA SER C 129 -25.37 26.89 -9.08
C SER C 129 -24.16 26.24 -9.80
N ARG C 130 -23.03 26.05 -9.12
CA ARG C 130 -21.80 25.50 -9.74
C ARG C 130 -21.72 23.98 -9.58
N TYR C 131 -22.66 23.37 -8.84
CA TYR C 131 -22.59 21.93 -8.52
C TYR C 131 -22.66 21.12 -9.82
N VAL C 132 -21.74 20.16 -9.98
CA VAL C 132 -21.73 19.25 -11.17
C VAL C 132 -22.22 17.86 -10.77
N ASN C 133 -21.53 17.19 -9.86
CA ASN C 133 -21.79 15.77 -9.52
C ASN C 133 -21.09 15.42 -8.19
N ALA C 134 -21.14 14.15 -7.83
CA ALA C 134 -20.62 13.64 -6.55
C ALA C 134 -20.18 12.20 -6.77
N ARG C 135 -19.23 11.75 -5.96
CA ARG C 135 -18.65 10.40 -6.06
C ARG C 135 -18.43 9.84 -4.64
N ARG C 136 -18.75 8.56 -4.46
CA ARG C 136 -18.56 7.79 -3.22
C ARG C 136 -17.32 6.93 -3.42
N VAL C 137 -16.29 7.16 -2.63
CA VAL C 137 -15.01 6.42 -2.80
C VAL C 137 -14.74 5.46 -1.62
N LEU C 138 -15.52 5.54 -0.55
CA LEU C 138 -15.42 4.66 0.65
C LEU C 138 -16.40 3.51 0.52
N MET D 12 -9.42 8.71 -33.27
CA MET D 12 -7.98 9.17 -33.39
C MET D 12 -7.23 8.93 -32.07
N GLY D 13 -7.89 9.18 -30.93
CA GLY D 13 -7.35 8.83 -29.60
C GLY D 13 -7.01 7.36 -29.51
N ALA D 14 -7.98 6.48 -29.85
CA ALA D 14 -7.79 5.01 -29.75
C ALA D 14 -6.63 4.56 -30.65
N ASP D 15 -6.54 5.08 -31.86
CA ASP D 15 -5.44 4.72 -32.80
C ASP D 15 -4.09 5.09 -32.16
N SER D 16 -3.99 6.26 -31.50
CA SER D 16 -2.72 6.73 -30.85
C SER D 16 -2.41 5.76 -29.70
N VAL D 17 -3.39 5.44 -28.87
CA VAL D 17 -3.24 4.52 -27.71
C VAL D 17 -2.68 3.18 -28.20
N ILE D 18 -3.32 2.56 -29.18
CA ILE D 18 -2.99 1.17 -29.64
C ILE D 18 -1.64 1.19 -30.37
N SER D 19 -1.39 2.19 -31.21
CA SER D 19 -0.11 2.34 -31.95
C SER D 19 1.06 2.54 -30.98
N PHE D 20 0.91 3.41 -29.98
CA PHE D 20 1.94 3.64 -28.94
C PHE D 20 2.15 2.33 -28.18
N ALA D 21 1.07 1.67 -27.77
CA ALA D 21 1.13 0.46 -26.93
C ALA D 21 1.91 -0.63 -27.67
N LYS D 22 1.75 -0.71 -28.99
CA LYS D 22 2.39 -1.80 -29.78
C LYS D 22 3.91 -1.58 -29.85
N THR D 23 4.41 -0.33 -29.79
CA THR D 23 5.86 -0.02 -29.76
C THR D 23 6.49 -0.66 -28.52
N LEU D 24 5.69 -1.00 -27.51
CA LEU D 24 6.19 -1.53 -26.23
C LEU D 24 6.13 -3.06 -26.17
N LEU D 25 5.61 -3.71 -27.22
CA LEU D 25 5.61 -5.19 -27.33
C LEU D 25 7.00 -5.73 -27.00
N GLY D 26 7.07 -6.78 -26.19
CA GLY D 26 8.34 -7.43 -25.86
C GLY D 26 8.97 -6.87 -24.60
N LYS D 27 8.54 -5.69 -24.11
CA LYS D 27 9.17 -5.09 -22.90
C LYS D 27 8.81 -5.94 -21.70
N PRO D 28 9.77 -6.17 -20.77
CA PRO D 28 9.61 -7.15 -19.69
C PRO D 28 8.62 -6.71 -18.61
N TYR D 29 7.93 -7.71 -18.07
CA TYR D 29 7.09 -7.60 -16.85
C TYR D 29 8.01 -7.49 -15.62
N VAL D 30 7.78 -6.48 -14.79
CA VAL D 30 8.40 -6.30 -13.45
C VAL D 30 7.32 -5.73 -12.54
N TRP D 31 6.93 -6.43 -11.47
CA TRP D 31 5.95 -5.94 -10.50
C TRP D 31 6.37 -4.56 -9.94
N GLY D 32 5.45 -3.59 -9.94
CA GLY D 32 5.66 -2.23 -9.42
C GLY D 32 6.17 -1.27 -10.48
N ALA D 33 6.53 -1.75 -11.68
CA ALA D 33 7.11 -0.91 -12.76
C ALA D 33 6.00 -0.19 -13.55
N GLU D 34 6.26 1.05 -13.97
CA GLU D 34 5.34 1.89 -14.77
C GLU D 34 6.14 2.61 -15.86
N GLY D 35 7.06 1.91 -16.50
CA GLY D 35 7.76 2.42 -17.69
C GLY D 35 8.99 3.24 -17.31
N PRO D 36 9.85 3.59 -18.30
CA PRO D 36 9.59 3.27 -19.71
C PRO D 36 10.09 1.93 -20.25
N ASN D 37 10.79 1.12 -19.46
CA ASN D 37 11.53 -0.07 -19.99
C ASN D 37 10.96 -1.37 -19.42
N SER D 38 10.20 -1.30 -18.34
CA SER D 38 9.55 -2.47 -17.71
C SER D 38 8.22 -2.03 -17.12
N PHE D 39 7.29 -2.98 -16.98
CA PHE D 39 5.91 -2.65 -16.58
C PHE D 39 5.30 -3.76 -15.73
N ASP D 40 4.34 -3.39 -14.89
CA ASP D 40 3.28 -4.33 -14.45
C ASP D 40 2.00 -4.02 -15.25
N CYS D 41 0.91 -4.73 -15.03
CA CYS D 41 -0.20 -4.63 -16.01
CA CYS D 41 -0.25 -4.64 -15.95
C CYS D 41 -0.84 -3.23 -15.91
N SER D 42 -0.98 -2.68 -14.71
CA SER D 42 -1.65 -1.36 -14.50
C SER D 42 -0.64 -0.25 -14.75
N GLY D 43 0.65 -0.49 -14.48
CA GLY D 43 1.70 0.49 -14.81
C GLY D 43 1.83 0.64 -16.31
N PHE D 44 1.54 -0.43 -17.06
CA PHE D 44 1.53 -0.41 -18.54
C PHE D 44 0.39 0.44 -19.05
N THR D 45 -0.84 0.15 -18.59
CA THR D 45 -1.96 0.97 -19.06
C THR D 45 -1.82 2.43 -18.62
N GLN D 46 -1.40 2.72 -17.37
CA GLN D 46 -1.22 4.13 -16.96
C GLN D 46 -0.21 4.82 -17.90
N TYR D 47 0.92 4.17 -18.14
CA TYR D 47 2.01 4.77 -18.94
C TYR D 47 1.55 5.00 -20.38
N VAL D 48 0.82 4.02 -20.96
CA VAL D 48 0.36 4.16 -22.35
C VAL D 48 -0.64 5.33 -22.40
N MET D 49 -1.59 5.40 -21.46
CA MET D 49 -2.63 6.46 -21.51
C MET D 49 -1.99 7.84 -21.34
N LYS D 50 -1.01 7.97 -20.45
CA LYS D 50 -0.34 9.27 -20.18
C LYS D 50 0.45 9.70 -21.43
N LYS D 51 1.22 8.79 -22.02
CA LYS D 51 2.24 9.13 -23.03
C LYS D 51 1.61 9.32 -24.42
N SER D 52 0.54 8.60 -24.72
CA SER D 52 -0.06 8.60 -26.08
C SER D 52 -0.94 9.84 -26.23
N VAL D 53 -1.87 10.03 -25.31
CA VAL D 53 -2.95 11.06 -25.45
C VAL D 53 -3.07 11.91 -24.19
N GLY D 54 -2.18 11.81 -23.19
CA GLY D 54 -2.24 12.64 -21.98
C GLY D 54 -3.48 12.38 -21.12
N VAL D 55 -3.97 11.14 -21.07
CA VAL D 55 -5.09 10.77 -20.18
C VAL D 55 -4.50 10.16 -18.90
N SER D 56 -4.85 10.74 -17.76
CA SER D 56 -4.47 10.27 -16.39
C SER D 56 -5.42 9.18 -15.93
N ILE D 57 -4.90 8.00 -15.63
CA ILE D 57 -5.76 6.94 -14.99
C ILE D 57 -5.05 6.57 -13.70
N PRO D 58 -5.79 5.97 -12.75
CA PRO D 58 -5.21 5.46 -11.52
C PRO D 58 -4.06 4.46 -11.72
N ARG D 59 -3.22 4.34 -10.68
CA ARG D 59 -2.01 3.49 -10.72
C ARG D 59 -2.40 2.01 -10.75
N VAL D 60 -3.33 1.53 -9.89
CA VAL D 60 -3.46 0.05 -9.71
C VAL D 60 -4.74 -0.43 -10.41
N SER D 61 -4.80 -1.72 -10.74
CA SER D 61 -5.87 -2.30 -11.60
CA SER D 61 -5.87 -2.29 -11.61
C SER D 61 -7.24 -2.13 -10.94
N ARG D 62 -7.34 -2.39 -9.63
CA ARG D 62 -8.66 -2.32 -8.92
C ARG D 62 -9.18 -0.87 -8.95
N ASP D 63 -8.30 0.14 -8.98
CA ASP D 63 -8.71 1.57 -9.04
C ASP D 63 -9.03 1.99 -10.50
N GLN D 64 -8.25 1.55 -11.48
CA GLN D 64 -8.55 1.83 -12.90
C GLN D 64 -9.95 1.26 -13.21
N SER D 65 -10.33 0.13 -12.60
CA SER D 65 -11.63 -0.56 -12.83
C SER D 65 -12.80 0.30 -12.33
N LYS D 66 -12.56 1.32 -11.49
CA LYS D 66 -13.63 2.23 -10.97
C LYS D 66 -13.57 3.60 -11.69
N TYR D 67 -12.76 3.74 -12.73
CA TYR D 67 -12.48 5.06 -13.35
C TYR D 67 -13.05 5.14 -14.77
N GLY D 68 -13.80 6.22 -15.05
CA GLY D 68 -14.31 6.49 -16.40
C GLY D 68 -15.63 5.78 -16.64
N THR D 69 -15.96 5.62 -17.90
CA THR D 69 -17.32 5.26 -18.35
C THR D 69 -17.41 3.73 -18.31
N TYR D 70 -18.50 3.20 -17.72
CA TYR D 70 -18.72 1.73 -17.71
C TYR D 70 -18.98 1.30 -19.16
N VAL D 71 -18.42 0.17 -19.55
CA VAL D 71 -18.60 -0.44 -20.90
C VAL D 71 -18.98 -1.90 -20.67
N ASN D 72 -20.14 -2.30 -21.19
CA ASN D 72 -20.51 -3.74 -21.24
C ASN D 72 -19.51 -4.49 -22.16
N ARG D 73 -19.20 -5.74 -21.83
CA ARG D 73 -18.28 -6.59 -22.63
C ARG D 73 -18.77 -6.67 -24.10
N GLY D 74 -20.06 -6.80 -24.42
CA GLY D 74 -20.48 -6.90 -25.83
C GLY D 74 -20.26 -5.62 -26.64
N ASP D 75 -19.93 -4.48 -25.98
CA ASP D 75 -19.81 -3.14 -26.60
C ASP D 75 -18.37 -2.63 -26.56
N LEU D 76 -17.37 -3.49 -26.29
CA LEU D 76 -15.94 -3.09 -26.19
C LEU D 76 -15.50 -2.44 -27.52
N ARG D 77 -14.68 -1.41 -27.38
CA ARG D 77 -14.14 -0.66 -28.53
C ARG D 77 -12.63 -0.55 -28.29
N SER D 78 -11.87 -0.49 -29.36
CA SER D 78 -10.43 -0.14 -29.36
C SER D 78 -10.16 0.91 -28.28
N GLY D 79 -9.19 0.69 -27.39
CA GLY D 79 -8.75 1.70 -26.41
C GLY D 79 -9.40 1.54 -25.07
N ASP D 80 -10.47 0.74 -24.98
CA ASP D 80 -11.13 0.49 -23.69
C ASP D 80 -10.23 -0.35 -22.81
N LEU D 81 -10.33 -0.17 -21.50
CA LEU D 81 -9.56 -0.95 -20.51
C LEU D 81 -10.42 -2.13 -20.13
N VAL D 82 -9.85 -3.32 -20.10
CA VAL D 82 -10.60 -4.55 -19.72
C VAL D 82 -9.95 -5.13 -18.46
N PHE D 83 -10.75 -5.55 -17.49
CA PHE D 83 -10.31 -5.88 -16.12
C PHE D 83 -10.67 -7.34 -15.80
N PHE D 84 -9.78 -8.02 -15.11
CA PHE D 84 -9.90 -9.45 -14.74
C PHE D 84 -9.53 -9.67 -13.27
N ASP D 85 -10.09 -10.72 -12.67
CA ASP D 85 -9.74 -11.21 -11.30
C ASP D 85 -8.80 -12.42 -11.42
N THR D 86 -8.58 -13.15 -10.31
CA THR D 86 -7.84 -14.45 -10.28
C THR D 86 -8.64 -15.51 -9.51
N GLY D 92 -13.45 -11.94 -5.64
CA GLY D 92 -13.28 -11.54 -7.06
C GLY D 92 -12.76 -10.12 -7.21
N SER D 93 -11.75 -9.72 -6.43
CA SER D 93 -11.10 -8.40 -6.56
C SER D 93 -10.42 -8.33 -7.93
N VAL D 94 -10.51 -7.19 -8.61
CA VAL D 94 -9.72 -6.92 -9.86
C VAL D 94 -8.23 -6.95 -9.52
N SER D 95 -7.45 -7.71 -10.30
CA SER D 95 -5.99 -7.90 -10.16
C SER D 95 -5.26 -7.74 -11.49
N HIS D 96 -5.95 -7.58 -12.63
CA HIS D 96 -5.29 -7.49 -13.97
CA HIS D 96 -5.32 -7.55 -13.98
C HIS D 96 -6.10 -6.59 -14.91
N VAL D 97 -5.40 -5.93 -15.82
CA VAL D 97 -6.00 -4.99 -16.81
C VAL D 97 -5.22 -5.11 -18.12
N GLY D 98 -5.94 -4.95 -19.22
CA GLY D 98 -5.35 -4.80 -20.55
C GLY D 98 -6.05 -3.69 -21.28
N ILE D 99 -5.57 -3.40 -22.48
CA ILE D 99 -6.16 -2.40 -23.41
C ILE D 99 -6.77 -3.18 -24.56
N TYR D 100 -8.09 -3.09 -24.73
CA TYR D 100 -8.77 -3.75 -25.85
C TYR D 100 -8.31 -3.18 -27.20
N ILE D 101 -8.04 -4.07 -28.15
CA ILE D 101 -7.72 -3.69 -29.56
C ILE D 101 -8.95 -3.96 -30.41
N GLY D 102 -9.36 -5.21 -30.47
CA GLY D 102 -10.38 -5.63 -31.44
C GLY D 102 -10.30 -7.10 -31.68
N ASN D 103 -11.42 -7.72 -32.10
CA ASN D 103 -11.46 -9.16 -32.43
C ASN D 103 -11.15 -9.99 -31.18
N GLY D 104 -11.47 -9.44 -30.00
CA GLY D 104 -11.30 -10.09 -28.69
C GLY D 104 -9.88 -9.94 -28.16
N ASP D 105 -8.97 -9.36 -28.96
CA ASP D 105 -7.54 -9.15 -28.59
C ASP D 105 -7.37 -7.96 -27.64
N MET D 106 -6.50 -8.11 -26.65
CA MET D 106 -6.04 -6.98 -25.81
C MET D 106 -4.51 -6.99 -25.83
N ILE D 107 -3.94 -5.82 -25.64
CA ILE D 107 -2.49 -5.71 -25.33
C ILE D 107 -2.31 -5.44 -23.83
N HIS D 108 -1.33 -6.09 -23.20
CA HIS D 108 -1.20 -6.08 -21.72
C HIS D 108 0.21 -6.49 -21.34
N ALA D 109 0.61 -6.08 -20.15
CA ALA D 109 1.87 -6.57 -19.56
C ALA D 109 1.52 -7.91 -18.89
N SER D 110 1.83 -9.05 -19.49
CA SER D 110 1.41 -10.37 -18.95
C SER D 110 2.41 -10.84 -17.87
N SER D 111 1.90 -11.13 -16.67
CA SER D 111 2.61 -11.87 -15.60
C SER D 111 2.46 -13.41 -15.78
N GLY D 112 1.86 -13.87 -16.89
CA GLY D 112 1.85 -15.28 -17.31
C GLY D 112 3.23 -15.70 -17.82
N SER D 113 3.33 -16.83 -18.53
CA SER D 113 4.60 -17.48 -18.96
C SER D 113 5.50 -16.50 -19.75
N SER D 114 4.94 -15.56 -20.54
CA SER D 114 5.74 -14.67 -21.42
C SER D 114 6.46 -13.57 -20.63
N LYS D 115 5.93 -13.15 -19.48
CA LYS D 115 6.52 -12.07 -18.61
C LYS D 115 6.92 -10.88 -19.47
N LYS D 116 6.09 -10.46 -20.40
CA LYS D 116 6.40 -9.30 -21.26
C LYS D 116 5.10 -8.70 -21.78
N VAL D 117 5.18 -7.50 -22.33
CA VAL D 117 4.07 -6.86 -23.06
C VAL D 117 3.74 -7.74 -24.26
N THR D 118 2.49 -8.21 -24.36
CA THR D 118 2.07 -9.18 -25.39
C THR D 118 0.58 -8.95 -25.71
N ILE D 119 0.05 -9.77 -26.60
CA ILE D 119 -1.37 -9.68 -27.06
C ILE D 119 -2.00 -11.01 -26.72
N SER D 120 -3.17 -10.96 -26.09
CA SER D 120 -3.93 -12.16 -25.67
C SER D 120 -5.39 -11.92 -26.05
N ASN D 121 -6.16 -12.98 -26.19
CA ASN D 121 -7.60 -12.91 -26.54
C ASN D 121 -8.44 -13.04 -25.26
N ILE D 122 -9.25 -12.04 -24.99
CA ILE D 122 -10.15 -12.06 -23.80
C ILE D 122 -11.19 -13.20 -23.91
N ASN D 123 -11.38 -13.83 -25.07
CA ASN D 123 -12.32 -14.98 -25.27
C ASN D 123 -11.63 -16.33 -25.02
N SER D 124 -10.31 -16.38 -24.84
CA SER D 124 -9.59 -17.65 -24.58
C SER D 124 -10.05 -18.20 -23.23
N SER D 125 -10.04 -19.52 -23.06
CA SER D 125 -10.50 -20.23 -21.83
C SER D 125 -9.97 -19.49 -20.60
N TYR D 126 -8.68 -19.13 -20.59
CA TYR D 126 -7.97 -18.58 -19.42
C TYR D 126 -8.58 -17.23 -19.00
N TYR D 127 -8.78 -16.29 -19.92
CA TYR D 127 -9.26 -14.92 -19.58
C TYR D 127 -10.77 -14.88 -19.42
N SER D 128 -11.52 -15.62 -20.24
CA SER D 128 -12.98 -15.37 -20.38
C SER D 128 -13.66 -15.44 -19.00
N SER D 129 -13.42 -16.48 -18.20
CA SER D 129 -14.07 -16.69 -16.87
C SER D 129 -13.56 -15.69 -15.83
N ARG D 130 -12.41 -15.02 -16.06
CA ARG D 130 -11.79 -14.07 -15.10
C ARG D 130 -12.27 -12.64 -15.37
N TYR D 131 -13.06 -12.42 -16.44
CA TYR D 131 -13.45 -11.06 -16.87
C TYR D 131 -14.36 -10.42 -15.81
N VAL D 132 -14.05 -9.19 -15.41
CA VAL D 132 -14.88 -8.47 -14.39
C VAL D 132 -15.66 -7.36 -15.07
N ASN D 133 -14.98 -6.40 -15.68
CA ASN D 133 -15.65 -5.20 -16.23
C ASN D 133 -14.74 -4.46 -17.20
N ALA D 134 -15.19 -3.32 -17.69
CA ALA D 134 -14.44 -2.54 -18.68
C ALA D 134 -14.77 -1.06 -18.50
N ARG D 135 -13.83 -0.20 -18.91
CA ARG D 135 -13.96 1.27 -18.74
C ARG D 135 -13.45 1.98 -20.00
N ARG D 136 -14.13 3.08 -20.35
CA ARG D 136 -13.81 3.94 -21.50
C ARG D 136 -13.23 5.23 -20.93
N VAL D 137 -11.96 5.51 -21.24
CA VAL D 137 -11.25 6.68 -20.66
C VAL D 137 -10.91 7.73 -21.73
N LEU D 138 -11.17 7.43 -23.02
CA LEU D 138 -10.93 8.32 -24.18
C LEU D 138 -12.20 9.11 -24.55
CAC FLC E . 7.65 -27.35 2.10
CA FLC E . 7.83 -26.28 3.18
CB FLC E . 9.01 -26.50 4.14
CBC FLC E . 10.36 -26.61 3.36
CG FLC E . 9.20 -25.31 5.08
CGC FLC E . 8.05 -24.94 5.99
OA1 FLC E . 8.57 -28.19 1.95
OA2 FLC E . 6.59 -27.33 1.39
OB1 FLC E . 11.20 -27.40 3.84
OB2 FLC E . 10.53 -25.88 2.35
OG1 FLC E . 8.00 -25.53 7.09
OG2 FLC E . 7.26 -24.01 5.62
OHB FLC E . 8.81 -27.69 4.86
CAC FLC F . -3.89 10.73 16.04
CA FLC F . -2.91 9.94 15.18
CB FLC F . -1.62 10.68 14.80
CBC FLC F . -0.88 11.26 16.03
CG FLC F . -0.61 9.73 14.13
CGC FLC F . -1.04 9.00 12.87
OA1 FLC F . -3.57 11.89 16.36
OA2 FLC F . -5.01 10.17 16.39
OB1 FLC F . -0.31 12.39 15.88
OB2 FLC F . -0.84 10.56 17.08
OG1 FLC F . -1.03 9.65 11.77
OG2 FLC F . -1.30 7.76 12.97
OHB FLC F . -1.96 11.75 13.94
CAC FLC G . -4.84 20.97 -9.67
CA FLC G . -5.89 21.75 -8.88
CB FLC G . -7.15 22.14 -9.66
CBC FLC G . -7.85 20.90 -10.25
CG FLC G . -8.16 22.81 -8.71
CGC FLC G . -7.71 24.02 -7.91
OA1 FLC G . -3.73 20.76 -9.12
OA2 FLC G . -5.10 20.58 -10.82
OB1 FLC G . -7.88 19.85 -9.58
OB2 FLC G . -8.34 21.03 -11.40
OG1 FLC G . -7.37 23.83 -6.72
OG2 FLC G . -7.83 25.15 -8.44
OHB FLC G . -6.79 23.00 -10.72
CAC FLC H . 0.37 -3.13 -9.10
CA FLC H . 0.13 -4.20 -10.17
CB FLC H . -1.06 -5.15 -9.89
CBC FLC H . -2.39 -4.38 -9.74
CG FLC H . -1.26 -6.11 -11.07
CGC FLC H . -0.10 -6.92 -11.56
OA1 FLC H . 1.43 -2.41 -9.18
OA2 FLC H . -0.48 -2.99 -8.17
OB1 FLC H . -2.58 -3.36 -10.47
OB2 FLC H . -3.23 -4.86 -8.91
OG1 FLC H . 0.63 -6.43 -12.47
OG2 FLC H . 0.03 -8.07 -11.11
OHB FLC H . -0.81 -5.86 -8.69
#